data_3GCZ
#
_entry.id   3GCZ
#
_cell.length_a   68.912
_cell.length_b   68.912
_cell.length_c   50.806
_cell.angle_alpha   90.00
_cell.angle_beta   90.00
_cell.angle_gamma   120.00
#
_symmetry.space_group_name_H-M   'P 32'
#
loop_
_entity.id
_entity.type
_entity.pdbx_description
1 polymer Polyprotein
2 non-polymer S-ADENOSYLMETHIONINE
3 non-polymer GLYCEROL
4 non-polymer 'SULFATE ION'
5 water water
#
_entity_poly.entity_id   1
_entity_poly.type   'polypeptide(L)'
_entity_poly.pdbx_seq_one_letter_code
;HHHHHHSSGLVPRGSHMGGTGSGMTPGEAWKKQLNKLGKTQFEQYKRSCILEVDRTHARDSLENGIQNGIAVSRGSAKLR
WMEERGYVKPTGIVVDLGCGRGGWSYYAASLKNVKKVMAFTLGVQGHEKPIMRTTLGWNLIRFKDKTDVFNMEVIPGDTL
LCDIGESSPSIAVEEQRTLRVLNCAKQWLQEGNYTEFCIKVLCPYTPLIMEELSRLQLKHGGGLVRVPLSRNSTHEMYWV
SGTRTDVVGTVSNVSRLLTRRMLNKPQPPTLEDDVILDMGTR
;
_entity_poly.pdbx_strand_id   A
#
loop_
_chem_comp.id
_chem_comp.type
_chem_comp.name
_chem_comp.formula
GOL non-polymer GLYCEROL 'C3 H8 O3'
SAM non-polymer S-ADENOSYLMETHIONINE 'C15 H22 N6 O5 S'
SO4 non-polymer 'SULFATE ION' 'O4 S -2'
#
# COMPACT_ATOMS: atom_id res chain seq x y z
N MET A 24 -24.74 10.47 -1.60
CA MET A 24 -23.26 10.36 -1.75
C MET A 24 -22.55 10.36 -0.40
N THR A 25 -21.60 9.46 -0.21
CA THR A 25 -20.74 9.58 0.95
C THR A 25 -19.81 10.72 0.66
N PRO A 26 -19.15 11.24 1.71
CA PRO A 26 -18.18 12.31 1.54
C PRO A 26 -17.10 11.89 0.56
N GLY A 27 -16.72 10.61 0.58
CA GLY A 27 -15.72 10.08 -0.33
C GLY A 27 -16.16 10.07 -1.78
N GLU A 28 -17.41 9.71 -2.02
CA GLU A 28 -17.94 9.72 -3.39
C GLU A 28 -18.00 11.16 -3.86
N ALA A 29 -18.37 12.06 -2.97
CA ALA A 29 -18.43 13.48 -3.26
C ALA A 29 -17.03 14.03 -3.60
N TRP A 30 -16.03 13.61 -2.83
CA TRP A 30 -14.63 13.97 -3.08
C TRP A 30 -14.20 13.50 -4.48
N LYS A 31 -14.52 12.26 -4.83
CA LYS A 31 -14.11 11.69 -6.11
C LYS A 31 -14.69 12.48 -7.28
N LYS A 32 -15.96 12.84 -7.18
CA LYS A 32 -16.61 13.61 -8.23
C LYS A 32 -15.90 14.94 -8.42
N GLN A 33 -15.52 15.58 -7.32
CA GLN A 33 -14.80 16.85 -7.40
C GLN A 33 -13.42 16.65 -7.99
N LEU A 34 -12.74 15.59 -7.60
CA LEU A 34 -11.42 15.30 -8.14
C LEU A 34 -11.48 15.17 -9.66
N ASN A 35 -12.55 14.56 -10.14
CA ASN A 35 -12.68 14.29 -11.56
C ASN A 35 -12.89 15.57 -12.37
N LYS A 36 -13.25 16.64 -11.68
CA LYS A 36 -13.48 17.92 -12.36
C LYS A 36 -12.19 18.73 -12.54
N LEU A 37 -11.12 18.36 -11.84
CA LEU A 37 -9.87 19.12 -11.93
C LEU A 37 -9.20 18.99 -13.28
N GLY A 38 -8.67 20.10 -13.78
CA GLY A 38 -7.83 20.08 -14.97
C GLY A 38 -6.47 19.50 -14.65
N LYS A 39 -5.62 19.43 -15.66
CA LYS A 39 -4.35 18.75 -15.55
C LYS A 39 -3.45 19.38 -14.46
N THR A 40 -3.23 20.69 -14.53
CA THR A 40 -2.31 21.32 -13.55
C THR A 40 -2.96 21.49 -12.18
N GLN A 41 -4.27 21.71 -12.15
CA GLN A 41 -5.02 21.71 -10.90
C GLN A 41 -4.76 20.38 -10.19
N PHE A 42 -4.84 19.29 -10.95
CA PHE A 42 -4.75 17.94 -10.39
C PHE A 42 -3.35 17.69 -9.87
N GLU A 43 -2.36 18.10 -10.64
CA GLU A 43 -0.97 17.96 -10.23
C GLU A 43 -0.70 18.73 -8.97
N GLN A 44 -1.19 19.97 -8.89
CA GLN A 44 -0.95 20.81 -7.73
C GLN A 44 -1.63 20.15 -6.52
N TYR A 45 -2.88 19.75 -6.72
CA TYR A 45 -3.65 19.14 -5.65
C TYR A 45 -2.98 17.86 -5.09
N LYS A 46 -2.48 17.03 -5.98
CA LYS A 46 -2.15 15.66 -5.59
C LYS A 46 -1.05 15.61 -4.52
N ARG A 47 -0.16 16.59 -4.51
CA ARG A 47 0.91 16.64 -3.54
C ARG A 47 0.71 17.69 -2.45
N SER A 48 -0.47 18.28 -2.37
CA SER A 48 -0.67 19.42 -1.46
C SER A 48 -0.71 18.99 0.00
N CYS A 49 0.21 19.53 0.78
CA CYS A 49 0.29 19.28 2.21
C CYS A 49 0.65 17.86 2.59
N ILE A 50 1.06 17.03 1.63
CA ILE A 50 1.38 15.64 1.98
C ILE A 50 2.81 15.49 2.47
N LEU A 51 3.14 14.31 2.99
CA LEU A 51 4.51 13.97 3.28
C LEU A 51 5.04 13.29 2.03
N GLU A 52 6.32 13.50 1.75
CA GLU A 52 6.90 12.94 0.55
C GLU A 52 8.36 12.66 0.77
N VAL A 53 8.80 11.46 0.38
CA VAL A 53 10.20 11.18 0.43
C VAL A 53 10.89 11.73 -0.81
N ASP A 54 12.12 12.18 -0.57
CA ASP A 54 13.01 12.66 -1.61
C ASP A 54 13.62 11.47 -2.34
N ARG A 55 13.22 11.28 -3.58
CA ARG A 55 13.59 10.09 -4.36
C ARG A 55 14.76 10.35 -5.32
N THR A 56 15.40 11.49 -5.20
CA THR A 56 16.44 11.84 -6.18
C THR A 56 17.55 10.79 -6.24
N HIS A 57 18.11 10.45 -5.08
CA HIS A 57 19.16 9.44 -4.97
C HIS A 57 18.66 8.04 -5.39
N ALA A 58 17.44 7.68 -4.98
CA ALA A 58 16.89 6.39 -5.32
C ALA A 58 16.79 6.21 -6.82
N ARG A 59 16.21 7.20 -7.50
CA ARG A 59 16.01 7.12 -8.93
C ARG A 59 17.35 7.10 -9.67
N ASP A 60 18.30 7.93 -9.25
CA ASP A 60 19.66 7.91 -9.81
C ASP A 60 20.23 6.47 -9.74
N SER A 61 20.09 5.85 -8.56
CA SER A 61 20.67 4.52 -8.33
C SER A 61 20.01 3.46 -9.18
N LEU A 62 18.70 3.54 -9.30
CA LEU A 62 17.96 2.57 -10.05
C LEU A 62 18.23 2.68 -11.54
N GLU A 63 18.33 3.91 -12.04
CA GLU A 63 18.53 4.14 -13.47
C GLU A 63 19.89 3.58 -13.84
N ASN A 64 20.82 3.62 -12.89
CA ASN A 64 22.19 3.22 -13.16
C ASN A 64 22.55 1.82 -12.65
N GLY A 65 21.62 1.16 -11.98
CA GLY A 65 21.81 -0.21 -11.53
C GLY A 65 22.80 -0.31 -10.38
N ILE A 66 22.99 0.80 -9.66
CA ILE A 66 23.96 0.84 -8.55
C ILE A 66 23.41 0.10 -7.35
N GLN A 67 24.18 -0.86 -6.82
CA GLN A 67 23.72 -1.64 -5.67
C GLN A 67 24.08 -0.93 -4.37
N ASN A 68 23.07 -0.37 -3.72
CA ASN A 68 23.25 0.27 -2.44
C ASN A 68 21.95 0.06 -1.66
N GLY A 69 21.69 0.87 -0.65
CA GLY A 69 20.56 0.63 0.25
C GLY A 69 19.28 1.38 -0.06
N ILE A 70 19.21 2.05 -1.18
CA ILE A 70 18.00 2.82 -1.50
C ILE A 70 16.78 1.92 -1.69
N ALA A 71 15.59 2.47 -1.47
CA ALA A 71 14.36 1.73 -1.67
C ALA A 71 14.01 1.68 -3.15
N VAL A 72 13.60 0.51 -3.62
CA VAL A 72 13.23 0.41 -5.05
C VAL A 72 11.99 1.16 -5.48
N SER A 73 11.17 1.60 -4.52
CA SER A 73 9.94 2.30 -4.84
C SER A 73 9.58 3.23 -3.70
N ARG A 74 8.66 4.16 -4.00
CA ARG A 74 7.99 4.98 -2.99
C ARG A 74 7.26 4.19 -1.96
N GLY A 75 6.85 2.98 -2.33
CA GLY A 75 6.09 2.12 -1.41
C GLY A 75 6.79 1.71 -0.15
N SER A 76 8.12 1.60 -0.17
CA SER A 76 8.85 1.18 1.00
C SER A 76 8.53 2.15 2.14
N ALA A 77 8.50 3.44 1.83
CA ALA A 77 8.32 4.47 2.87
C ALA A 77 6.93 4.33 3.48
N LYS A 78 5.96 3.95 2.67
CA LYS A 78 4.59 3.76 3.20
C LYS A 78 4.58 2.61 4.18
N LEU A 79 5.24 1.51 3.84
CA LEU A 79 5.23 0.36 4.76
C LEU A 79 6.02 0.72 6.01
N ARG A 80 7.15 1.39 5.84
CA ARG A 80 7.92 1.88 7.02
C ARG A 80 7.05 2.69 7.97
N TRP A 81 6.26 3.61 7.42
CA TRP A 81 5.42 4.47 8.28
C TRP A 81 4.48 3.62 9.14
N MET A 82 3.87 2.62 8.52
CA MET A 82 2.95 1.75 9.23
C MET A 82 3.68 0.80 10.17
N GLU A 83 4.82 0.28 9.75
CA GLU A 83 5.56 -0.69 10.55
C GLU A 83 6.19 -0.01 11.77
N GLU A 84 6.69 1.22 11.61
CA GLU A 84 7.26 1.97 12.74
C GLU A 84 6.26 2.32 13.85
N ARG A 85 4.98 2.34 13.48
CA ARG A 85 3.91 2.61 14.42
C ARG A 85 3.25 1.33 14.94
N GLY A 86 3.79 0.18 14.54
CA GLY A 86 3.24 -1.09 14.96
C GLY A 86 1.90 -1.45 14.37
N TYR A 87 1.49 -0.76 13.31
CA TYR A 87 0.25 -1.10 12.63
C TYR A 87 0.35 -2.44 11.92
N VAL A 88 1.54 -2.80 11.46
CA VAL A 88 1.83 -4.16 11.02
C VAL A 88 3.25 -4.49 11.50
N LYS A 89 3.44 -5.72 11.98
CA LYS A 89 4.70 -6.15 12.56
C LYS A 89 5.16 -7.42 11.86
N PRO A 90 5.75 -7.25 10.66
CA PRO A 90 6.07 -8.44 9.87
C PRO A 90 6.89 -9.46 10.64
N THR A 91 6.52 -10.70 10.47
CA THR A 91 7.17 -11.81 11.18
C THR A 91 7.01 -13.11 10.42
N GLY A 92 7.93 -14.06 10.65
CA GLY A 92 7.76 -15.42 10.14
C GLY A 92 7.76 -15.47 8.62
N ILE A 93 6.84 -16.22 8.07
CA ILE A 93 6.66 -16.27 6.63
C ILE A 93 5.80 -15.08 6.19
N VAL A 94 6.42 -14.21 5.37
CA VAL A 94 5.76 -13.06 4.84
C VAL A 94 5.40 -13.29 3.36
N VAL A 95 4.15 -13.03 3.02
CA VAL A 95 3.72 -13.07 1.61
C VAL A 95 3.41 -11.64 1.15
N ASP A 96 3.95 -11.26 0.00
CA ASP A 96 3.76 -9.92 -0.54
C ASP A 96 3.04 -10.05 -1.88
N LEU A 97 1.74 -9.83 -1.88
CA LEU A 97 0.91 -9.99 -3.08
C LEU A 97 0.85 -8.68 -3.84
N GLY A 98 1.28 -8.72 -5.10
CA GLY A 98 1.39 -7.52 -5.89
C GLY A 98 2.65 -6.75 -5.54
N CYS A 99 3.78 -7.45 -5.52
CA CYS A 99 5.03 -6.84 -5.07
C CYS A 99 5.65 -5.80 -5.98
N GLY A 100 5.35 -5.81 -7.28
CA GLY A 100 5.94 -4.83 -8.15
C GLY A 100 7.46 -4.93 -8.11
N ARG A 101 8.12 -3.81 -8.00
CA ARG A 101 9.58 -3.76 -8.00
C ARG A 101 10.09 -4.41 -6.73
N GLY A 102 9.25 -4.48 -5.69
CA GLY A 102 9.66 -5.16 -4.47
C GLY A 102 9.89 -4.30 -3.22
N GLY A 103 9.42 -3.07 -3.20
CA GLY A 103 9.70 -2.15 -2.07
C GLY A 103 9.23 -2.67 -0.71
N TRP A 104 8.08 -3.34 -0.66
CA TRP A 104 7.63 -3.93 0.59
C TRP A 104 8.41 -5.19 0.91
N SER A 105 8.81 -5.95 -0.10
CA SER A 105 9.48 -7.21 0.13
C SER A 105 10.86 -6.96 0.71
N TYR A 106 11.59 -6.02 0.11
CA TYR A 106 12.91 -5.72 0.63
C TYR A 106 12.81 -5.13 2.03
N TYR A 107 11.81 -4.29 2.28
CA TYR A 107 11.68 -3.71 3.61
C TYR A 107 11.41 -4.82 4.65
N ALA A 108 10.43 -5.67 4.35
CA ALA A 108 10.13 -6.82 5.25
C ALA A 108 11.31 -7.73 5.50
N ALA A 109 12.10 -8.01 4.45
CA ALA A 109 13.21 -8.95 4.55
C ALA A 109 14.29 -8.48 5.50
N SER A 110 14.34 -7.17 5.74
CA SER A 110 15.36 -6.56 6.60
C SER A 110 15.04 -6.63 8.09
N LEU A 111 13.82 -7.05 8.41
CA LEU A 111 13.33 -6.99 9.79
C LEU A 111 13.65 -8.27 10.57
N LYS A 112 14.09 -8.11 11.80
CA LYS A 112 14.61 -9.28 12.54
C LYS A 112 13.67 -10.46 12.69
N ASN A 113 12.36 -10.25 12.80
CA ASN A 113 11.51 -11.41 13.04
C ASN A 113 11.15 -12.19 11.77
N VAL A 114 11.61 -11.69 10.63
CA VAL A 114 11.14 -12.23 9.36
C VAL A 114 11.98 -13.41 8.84
N LYS A 115 11.32 -14.50 8.49
CA LYS A 115 12.06 -15.70 8.08
C LYS A 115 12.18 -15.92 6.59
N LYS A 116 11.15 -15.56 5.85
CA LYS A 116 11.09 -15.79 4.41
C LYS A 116 10.09 -14.77 3.86
N VAL A 117 10.29 -14.33 2.62
CA VAL A 117 9.32 -13.49 1.98
C VAL A 117 9.01 -14.13 0.62
N MET A 118 7.75 -14.51 0.40
CA MET A 118 7.32 -14.96 -0.90
C MET A 118 6.57 -13.83 -1.57
N ALA A 119 7.12 -13.34 -2.69
CA ALA A 119 6.60 -12.17 -3.34
C ALA A 119 6.12 -12.52 -4.74
N PHE A 120 4.94 -12.01 -5.10
CA PHE A 120 4.26 -12.34 -6.35
C PHE A 120 3.77 -11.09 -7.06
N THR A 121 3.92 -11.07 -8.37
CA THR A 121 3.42 -9.95 -9.10
C THR A 121 3.22 -10.31 -10.56
N LEU A 122 2.46 -9.49 -11.29
CA LEU A 122 2.24 -9.76 -12.73
C LEU A 122 3.52 -9.66 -13.54
N GLY A 123 4.19 -8.50 -13.49
CA GLY A 123 5.53 -8.35 -14.06
C GLY A 123 5.66 -8.44 -15.57
N VAL A 124 4.59 -8.13 -16.28
CA VAL A 124 4.63 -8.12 -17.74
C VAL A 124 3.95 -6.93 -18.34
N GLN A 125 4.25 -6.67 -19.61
CA GLN A 125 3.53 -5.67 -20.37
C GLN A 125 3.38 -4.36 -19.63
N GLY A 126 4.47 -3.82 -19.13
CA GLY A 126 4.41 -2.51 -18.52
C GLY A 126 4.26 -2.56 -17.00
N HIS A 127 3.69 -3.65 -16.48
CA HIS A 127 3.59 -3.80 -15.03
C HIS A 127 5.00 -4.01 -14.44
N GLU A 128 5.28 -3.38 -13.30
CA GLU A 128 6.63 -3.39 -12.72
C GLU A 128 7.15 -4.77 -12.41
N LYS A 129 8.36 -5.05 -12.87
CA LYS A 129 9.02 -6.28 -12.53
C LYS A 129 9.85 -6.07 -11.28
N PRO A 130 10.00 -7.12 -10.47
CA PRO A 130 10.92 -7.10 -9.34
C PRO A 130 12.30 -6.68 -9.78
N ILE A 131 12.91 -5.84 -8.96
CA ILE A 131 14.25 -5.37 -9.18
C ILE A 131 15.17 -6.06 -8.22
N MET A 132 16.30 -6.56 -8.73
CA MET A 132 17.27 -7.24 -7.87
C MET A 132 18.16 -6.30 -7.10
N ARG A 133 18.11 -6.38 -5.77
CA ARG A 133 18.93 -5.60 -4.88
C ARG A 133 19.52 -6.50 -3.80
N THR A 134 20.49 -5.96 -3.07
CA THR A 134 21.23 -6.76 -2.11
C THR A 134 21.15 -6.15 -0.73
N THR A 135 20.03 -5.49 -0.45
CA THR A 135 19.78 -5.00 0.88
C THR A 135 19.54 -6.16 1.86
N LEU A 136 19.69 -5.85 3.14
CA LEU A 136 19.66 -6.83 4.21
C LEU A 136 18.48 -7.78 4.09
N GLY A 137 18.79 -9.06 4.02
CA GLY A 137 17.77 -10.11 3.94
C GLY A 137 17.31 -10.48 2.54
N TRP A 138 17.93 -9.88 1.52
CA TRP A 138 17.54 -10.15 0.15
C TRP A 138 17.47 -11.64 -0.17
N ASN A 139 18.36 -12.41 0.44
CA ASN A 139 18.46 -13.83 0.15
C ASN A 139 17.27 -14.63 0.67
N LEU A 140 16.49 -14.00 1.55
CA LEU A 140 15.28 -14.63 2.09
C LEU A 140 14.04 -14.40 1.23
N ILE A 141 14.15 -13.58 0.18
CA ILE A 141 13.02 -13.30 -0.71
C ILE A 141 13.02 -14.24 -1.90
N ARG A 142 11.86 -14.81 -2.21
CA ARG A 142 11.66 -15.51 -3.46
C ARG A 142 10.67 -14.71 -4.26
N PHE A 143 11.13 -14.11 -5.36
CA PHE A 143 10.27 -13.32 -6.25
C PHE A 143 9.70 -14.22 -7.31
N LYS A 144 8.40 -14.12 -7.56
CA LYS A 144 7.80 -14.82 -8.70
C LYS A 144 6.94 -13.86 -9.51
N ASP A 145 7.33 -13.61 -10.76
CA ASP A 145 6.52 -12.79 -11.65
C ASP A 145 5.54 -13.68 -12.38
N LYS A 146 4.85 -13.12 -13.36
CA LYS A 146 3.90 -13.88 -14.19
C LYS A 146 2.89 -14.60 -13.33
N THR A 147 2.49 -13.92 -12.26
CA THR A 147 1.53 -14.48 -11.33
C THR A 147 0.36 -13.54 -11.13
N ASP A 148 -0.86 -14.06 -11.28
CA ASP A 148 -2.05 -13.30 -10.96
C ASP A 148 -2.47 -13.76 -9.55
N VAL A 149 -2.42 -12.87 -8.57
CA VAL A 149 -2.64 -13.34 -7.19
C VAL A 149 -4.10 -13.67 -6.96
N PHE A 150 -4.99 -13.16 -7.82
CA PHE A 150 -6.42 -13.46 -7.67
C PHE A 150 -6.75 -14.85 -8.18
N ASN A 151 -5.85 -15.45 -8.95
CA ASN A 151 -6.05 -16.78 -9.51
C ASN A 151 -4.84 -17.63 -9.20
N MET A 152 -4.62 -17.84 -7.90
CA MET A 152 -3.56 -18.74 -7.44
C MET A 152 -3.99 -19.33 -6.11
N GLU A 153 -3.40 -20.46 -5.77
CA GLU A 153 -3.73 -21.13 -4.53
C GLU A 153 -3.10 -20.42 -3.36
N VAL A 154 -3.83 -20.37 -2.26
CA VAL A 154 -3.35 -19.77 -1.03
C VAL A 154 -2.17 -20.58 -0.54
N ILE A 155 -1.16 -19.90 -0.05
CA ILE A 155 -0.08 -20.58 0.65
C ILE A 155 -0.08 -20.09 2.10
N PRO A 156 0.22 -20.98 3.04
CA PRO A 156 0.11 -20.50 4.39
C PRO A 156 1.30 -19.65 4.79
N GLY A 157 1.08 -18.82 5.79
CA GLY A 157 2.12 -17.94 6.28
C GLY A 157 1.65 -17.19 7.51
N ASP A 158 2.49 -16.24 7.92
CA ASP A 158 2.28 -15.51 9.14
C ASP A 158 1.91 -14.04 8.89
N THR A 159 2.55 -13.44 7.88
CA THR A 159 2.29 -12.03 7.53
C THR A 159 1.76 -11.91 6.09
N LEU A 160 0.59 -11.31 5.93
CA LEU A 160 -0.03 -11.09 4.63
C LEU A 160 0.01 -9.63 4.30
N LEU A 161 0.76 -9.29 3.25
CA LEU A 161 0.81 -7.95 2.70
C LEU A 161 0.19 -7.96 1.32
N CYS A 162 -0.59 -6.95 1.01
CA CYS A 162 -1.16 -6.79 -0.32
C CYS A 162 -1.27 -5.30 -0.61
N ASP A 163 -0.58 -4.85 -1.65
CA ASP A 163 -0.55 -3.44 -2.00
C ASP A 163 -1.08 -3.24 -3.40
N ILE A 164 -2.22 -3.87 -3.69
CA ILE A 164 -2.82 -3.86 -5.02
C ILE A 164 -4.02 -2.95 -5.04
N GLY A 165 -4.14 -2.14 -6.09
CA GLY A 165 -5.31 -1.28 -6.23
C GLY A 165 -4.96 -0.11 -7.12
N GLU A 166 -5.29 -0.26 -8.39
CA GLU A 166 -5.05 0.75 -9.40
C GLU A 166 -6.19 1.76 -9.49
N SER A 167 -5.85 3.03 -9.39
CA SER A 167 -6.84 4.08 -9.42
C SER A 167 -7.52 4.14 -10.76
N SER A 168 -8.75 4.64 -10.73
CA SER A 168 -9.58 4.86 -11.93
C SER A 168 -10.47 6.09 -11.72
N PRO A 169 -10.79 6.82 -12.81
CA PRO A 169 -11.75 7.90 -12.73
C PRO A 169 -13.12 7.40 -12.26
N SER A 170 -13.38 6.12 -12.48
CA SER A 170 -14.68 5.52 -12.19
C SER A 170 -14.76 4.91 -10.80
N ILE A 171 -15.64 5.44 -9.96
CA ILE A 171 -15.85 4.83 -8.64
C ILE A 171 -16.22 3.36 -8.80
N ALA A 172 -17.04 3.04 -9.79
CA ALA A 172 -17.46 1.66 -9.99
C ALA A 172 -16.29 0.73 -10.19
N VAL A 173 -15.33 1.16 -11.01
CA VAL A 173 -14.16 0.35 -11.28
C VAL A 173 -13.29 0.23 -10.02
N GLU A 174 -13.11 1.32 -9.30
CA GLU A 174 -12.28 1.26 -8.10
C GLU A 174 -12.92 0.38 -7.04
N GLU A 175 -14.24 0.45 -6.93
CA GLU A 175 -14.96 -0.41 -6.01
C GLU A 175 -14.74 -1.89 -6.38
N GLN A 176 -14.84 -2.22 -7.66
CA GLN A 176 -14.63 -3.61 -8.10
C GLN A 176 -13.24 -4.07 -7.80
N ARG A 177 -12.26 -3.21 -8.07
CA ARG A 177 -10.87 -3.57 -7.84
C ARG A 177 -10.61 -3.83 -6.35
N THR A 178 -11.19 -2.98 -5.52
CA THR A 178 -11.08 -3.10 -4.06
C THR A 178 -11.75 -4.38 -3.56
N LEU A 179 -12.94 -4.70 -4.06
CA LEU A 179 -13.63 -5.90 -3.62
C LEU A 179 -12.82 -7.15 -4.01
N ARG A 180 -12.16 -7.12 -5.15
CA ARG A 180 -11.34 -8.26 -5.56
C ARG A 180 -10.23 -8.51 -4.54
N VAL A 181 -9.59 -7.41 -4.11
CA VAL A 181 -8.51 -7.49 -3.13
C VAL A 181 -9.04 -7.98 -1.78
N LEU A 182 -10.19 -7.45 -1.36
CA LEU A 182 -10.75 -7.84 -0.06
C LEU A 182 -11.21 -9.30 -0.09
N ASN A 183 -11.77 -9.74 -1.22
CA ASN A 183 -12.16 -11.15 -1.39
C ASN A 183 -10.93 -12.07 -1.38
N CYS A 184 -9.85 -11.62 -2.02
CA CYS A 184 -8.56 -12.32 -1.98
C CYS A 184 -8.02 -12.39 -0.54
N ALA A 185 -7.99 -11.26 0.12
CA ALA A 185 -7.43 -11.23 1.46
C ALA A 185 -8.24 -12.11 2.42
N LYS A 186 -9.56 -12.06 2.29
CA LYS A 186 -10.43 -12.88 3.14
C LYS A 186 -10.10 -14.35 2.96
N GLN A 187 -9.89 -14.78 1.71
CA GLN A 187 -9.60 -16.18 1.46
C GLN A 187 -8.24 -16.56 2.00
N TRP A 188 -7.25 -15.69 1.83
CA TRP A 188 -5.91 -15.99 2.31
C TRP A 188 -5.87 -16.05 3.83
N LEU A 189 -6.57 -15.12 4.47
CA LEU A 189 -6.63 -15.05 5.92
C LEU A 189 -7.35 -16.27 6.50
N GLN A 190 -8.38 -16.70 5.81
CA GLN A 190 -9.15 -17.86 6.28
C GLN A 190 -8.38 -19.17 6.11
N GLU A 191 -7.74 -19.37 4.96
CA GLU A 191 -7.09 -20.63 4.63
C GLU A 191 -5.62 -20.73 5.06
N GLY A 192 -4.97 -19.58 5.25
CA GLY A 192 -3.51 -19.59 5.47
C GLY A 192 -3.05 -19.35 6.91
N ASN A 193 -3.98 -19.10 7.81
CA ASN A 193 -3.63 -18.90 9.23
C ASN A 193 -2.66 -17.74 9.53
N TYR A 194 -2.85 -16.63 8.82
CA TYR A 194 -2.03 -15.44 9.00
C TYR A 194 -2.40 -14.72 10.29
N THR A 195 -1.42 -14.09 10.93
CA THR A 195 -1.69 -13.33 12.14
C THR A 195 -1.40 -11.83 12.02
N GLU A 196 -0.55 -11.43 11.08
CA GLU A 196 -0.27 -10.03 10.80
C GLU A 196 -0.76 -9.71 9.39
N PHE A 197 -1.33 -8.54 9.17
CA PHE A 197 -1.73 -8.20 7.80
C PHE A 197 -1.72 -6.70 7.54
N CYS A 198 -1.54 -6.37 6.27
CA CYS A 198 -1.57 -5.00 5.83
C CYS A 198 -2.06 -5.06 4.38
N ILE A 199 -3.31 -4.66 4.19
CA ILE A 199 -4.03 -4.83 2.93
C ILE A 199 -4.50 -3.48 2.41
N LYS A 200 -4.10 -3.15 1.19
CA LYS A 200 -4.56 -1.92 0.57
C LYS A 200 -6.04 -1.96 0.29
N VAL A 201 -6.71 -0.89 0.68
CA VAL A 201 -8.11 -0.65 0.34
C VAL A 201 -8.17 0.59 -0.53
N LEU A 202 -8.14 0.41 -1.85
CA LEU A 202 -8.10 1.53 -2.78
C LEU A 202 -9.25 2.50 -2.60
N CYS A 203 -10.44 1.95 -2.52
CA CYS A 203 -11.68 2.73 -2.48
C CYS A 203 -12.45 2.31 -1.25
N PRO A 204 -12.17 2.92 -0.10
CA PRO A 204 -12.80 2.51 1.15
C PRO A 204 -14.14 3.18 1.41
N TYR A 205 -14.61 4.03 0.50
CA TYR A 205 -15.65 4.98 0.87
C TYR A 205 -17.04 4.73 0.29
N THR A 206 -17.23 3.67 -0.49
CA THR A 206 -18.59 3.33 -0.93
C THR A 206 -19.30 2.50 0.13
N PRO A 207 -20.64 2.55 0.15
CA PRO A 207 -21.39 1.76 1.11
C PRO A 207 -21.03 0.28 1.10
N LEU A 208 -20.98 -0.31 -0.10
CA LEU A 208 -20.66 -1.72 -0.23
C LEU A 208 -19.30 -2.07 0.41
N ILE A 209 -18.29 -1.28 0.10
CA ILE A 209 -16.97 -1.57 0.66
C ILE A 209 -16.98 -1.40 2.19
N MET A 210 -17.59 -0.33 2.67
CA MET A 210 -17.63 -0.11 4.11
C MET A 210 -18.33 -1.27 4.79
N GLU A 211 -19.36 -1.79 4.13
CA GLU A 211 -20.09 -2.95 4.62
C GLU A 211 -19.19 -4.18 4.71
N GLU A 212 -18.42 -4.42 3.66
CA GLU A 212 -17.53 -5.56 3.65
C GLU A 212 -16.43 -5.38 4.68
N LEU A 213 -15.89 -4.17 4.80
CA LEU A 213 -14.85 -3.94 5.79
C LEU A 213 -15.34 -4.21 7.21
N SER A 214 -16.56 -3.80 7.50
CA SER A 214 -17.12 -4.06 8.83
C SER A 214 -17.23 -5.56 9.07
N ARG A 215 -17.67 -6.31 8.06
CA ARG A 215 -17.79 -7.76 8.20
C ARG A 215 -16.41 -8.39 8.41
N LEU A 216 -15.44 -7.94 7.62
CA LEU A 216 -14.09 -8.49 7.71
C LEU A 216 -13.48 -8.25 9.08
N GLN A 217 -13.72 -7.06 9.62
CA GLN A 217 -13.18 -6.67 10.90
C GLN A 217 -13.78 -7.51 12.04
N LEU A 218 -15.07 -7.80 11.91
CA LEU A 218 -15.73 -8.66 12.88
C LEU A 218 -15.04 -10.02 12.99
N LYS A 219 -14.64 -10.58 11.86
CA LYS A 219 -14.00 -11.90 11.86
C LYS A 219 -12.50 -11.85 12.08
N HIS A 220 -11.85 -10.80 11.55
CA HIS A 220 -10.40 -10.77 11.53
C HIS A 220 -9.75 -9.61 12.30
N GLY A 221 -10.56 -8.70 12.83
CA GLY A 221 -10.04 -7.61 13.63
C GLY A 221 -9.37 -6.52 12.82
N GLY A 222 -8.50 -5.76 13.48
CA GLY A 222 -7.75 -4.68 12.81
C GLY A 222 -8.50 -3.38 12.64
N GLY A 223 -7.90 -2.48 11.87
CA GLY A 223 -8.44 -1.15 11.71
C GLY A 223 -7.93 -0.57 10.42
N LEU A 224 -8.34 0.66 10.16
CA LEU A 224 -7.98 1.34 8.93
C LEU A 224 -7.10 2.54 9.19
N VAL A 225 -6.03 2.67 8.40
CA VAL A 225 -5.11 3.78 8.56
C VAL A 225 -4.88 4.47 7.24
N ARG A 226 -4.67 5.78 7.32
CA ARG A 226 -4.32 6.62 6.16
C ARG A 226 -2.88 7.05 6.34
N VAL A 227 -2.03 6.62 5.40
CA VAL A 227 -0.64 6.92 5.43
C VAL A 227 -0.45 8.33 4.84
N PRO A 228 0.26 9.21 5.58
CA PRO A 228 0.32 10.61 5.14
C PRO A 228 1.18 10.81 3.89
N LEU A 229 1.97 9.79 3.54
CA LEU A 229 2.67 9.72 2.23
C LEU A 229 1.78 9.42 1.00
N SER A 230 0.55 8.99 1.22
CA SER A 230 -0.35 8.80 0.09
C SER A 230 -0.69 10.12 -0.55
N ARG A 231 -0.79 10.16 -1.87
CA ARG A 231 -1.15 11.41 -2.54
C ARG A 231 -2.63 11.71 -2.31
N ASN A 232 -3.03 12.98 -2.36
CA ASN A 232 -4.41 13.38 -2.20
C ASN A 232 -5.32 12.89 -3.35
N SER A 233 -4.72 12.49 -4.47
CA SER A 233 -5.48 12.01 -5.63
C SER A 233 -5.97 10.56 -5.46
N THR A 234 -5.57 9.92 -4.36
CA THR A 234 -6.10 8.58 -4.07
C THR A 234 -6.64 8.57 -2.64
N HIS A 235 -7.77 7.89 -2.42
CA HIS A 235 -8.38 7.76 -1.09
C HIS A 235 -7.92 6.47 -0.40
N GLU A 236 -6.86 5.86 -0.91
CA GLU A 236 -6.35 4.60 -0.37
C GLU A 236 -6.14 4.65 1.13
N MET A 237 -6.56 3.57 1.78
CA MET A 237 -6.26 3.35 3.18
C MET A 237 -5.83 1.91 3.32
N TYR A 238 -5.23 1.54 4.45
CA TYR A 238 -4.76 0.21 4.64
C TYR A 238 -5.51 -0.42 5.81
N TRP A 239 -5.99 -1.63 5.58
CA TRP A 239 -6.53 -2.50 6.63
C TRP A 239 -5.37 -3.29 7.27
N VAL A 240 -5.13 -3.01 8.55
CA VAL A 240 -3.96 -3.49 9.26
C VAL A 240 -4.34 -4.14 10.56
N SER A 241 -3.53 -5.08 10.98
CA SER A 241 -3.85 -5.85 12.18
C SER A 241 -3.49 -5.18 13.49
N GLY A 242 -2.60 -4.19 13.46
CA GLY A 242 -2.07 -3.60 14.69
C GLY A 242 -2.72 -2.32 15.18
N THR A 243 -3.95 -2.08 14.76
CA THR A 243 -4.77 -1.04 15.36
C THR A 243 -6.21 -1.48 15.40
N ARG A 244 -7.05 -0.64 16.00
CA ARG A 244 -8.49 -0.83 15.99
C ARG A 244 -9.14 0.51 15.75
N THR A 245 -10.00 0.57 14.73
CA THR A 245 -10.75 1.74 14.38
C THR A 245 -12.15 1.27 14.02
N ASP A 246 -13.07 2.21 13.85
CA ASP A 246 -14.32 1.89 13.20
C ASP A 246 -14.07 1.98 11.70
N VAL A 247 -15.14 1.88 10.92
CA VAL A 247 -15.05 2.02 9.47
C VAL A 247 -15.58 3.38 9.01
N VAL A 248 -16.86 3.63 9.25
CA VAL A 248 -17.52 4.79 8.68
C VAL A 248 -16.88 6.13 9.10
N GLY A 249 -16.65 6.35 10.40
CA GLY A 249 -16.08 7.62 10.86
C GLY A 249 -14.64 7.80 10.43
N THR A 250 -13.89 6.71 10.53
CA THR A 250 -12.48 6.70 10.18
C THR A 250 -12.30 7.01 8.69
N VAL A 251 -13.10 6.41 7.84
CA VAL A 251 -13.02 6.67 6.41
C VAL A 251 -13.47 8.10 6.09
N SER A 252 -14.59 8.52 6.71
CA SER A 252 -15.13 9.87 6.50
C SER A 252 -14.16 10.96 6.88
N ASN A 253 -13.40 10.75 7.96
CA ASN A 253 -12.42 11.72 8.38
C ASN A 253 -11.39 11.97 7.28
N VAL A 254 -10.98 10.90 6.62
CA VAL A 254 -10.06 11.04 5.49
C VAL A 254 -10.74 11.78 4.33
N SER A 255 -11.98 11.44 4.02
CA SER A 255 -12.68 12.12 2.93
C SER A 255 -12.73 13.63 3.19
N ARG A 256 -13.03 13.99 4.42
CA ARG A 256 -13.14 15.42 4.78
C ARG A 256 -11.79 16.13 4.66
N LEU A 257 -10.70 15.47 5.06
CA LEU A 257 -9.36 16.03 4.89
C LEU A 257 -9.02 16.25 3.42
N LEU A 258 -9.27 15.26 2.59
CA LEU A 258 -8.92 15.36 1.18
C LEU A 258 -9.76 16.44 0.49
N THR A 259 -11.01 16.58 0.93
CA THR A 259 -11.88 17.64 0.41
C THR A 259 -11.40 19.03 0.84
N ARG A 260 -11.03 19.18 2.10
CA ARG A 260 -10.54 20.47 2.60
C ARG A 260 -9.27 20.85 1.82
N ARG A 261 -8.39 19.87 1.57
CA ARG A 261 -7.18 20.17 0.80
C ARG A 261 -7.49 20.59 -0.63
N MET A 262 -8.60 20.15 -1.17
CA MET A 262 -8.93 20.48 -2.55
C MET A 262 -9.53 21.89 -2.62
N LEU A 263 -10.15 22.32 -1.52
CA LEU A 263 -10.79 23.65 -1.47
C LEU A 263 -9.81 24.75 -1.10
N ASN A 264 -8.80 24.39 -0.33
CA ASN A 264 -7.76 25.33 0.08
C ASN A 264 -6.74 25.47 -1.02
N LYS A 265 -5.93 26.52 -0.95
CA LYS A 265 -4.86 26.72 -1.94
C LYS A 265 -3.83 25.63 -1.74
N PRO A 266 -3.19 25.19 -2.81
CA PRO A 266 -2.24 24.09 -2.61
C PRO A 266 -0.98 24.62 -1.94
N GLN A 267 -0.30 23.80 -1.14
CA GLN A 267 0.98 24.00 -0.50
CA GLN A 267 0.94 23.96 -0.37
C GLN A 267 1.87 22.82 -0.79
N PRO A 268 3.17 23.10 -0.99
CA PRO A 268 4.09 22.05 -1.40
C PRO A 268 4.25 20.98 -0.32
N PRO A 269 4.66 19.78 -0.73
CA PRO A 269 4.73 18.74 0.28
C PRO A 269 5.87 18.91 1.25
N THR A 270 5.78 18.24 2.39
CA THR A 270 6.87 18.24 3.35
C THR A 270 7.78 17.08 2.99
N LEU A 271 9.05 17.39 2.75
CA LEU A 271 10.03 16.37 2.42
C LEU A 271 10.54 15.63 3.62
N GLU A 272 10.70 14.33 3.47
CA GLU A 272 11.38 13.56 4.48
C GLU A 272 12.37 12.59 3.86
N ASP A 273 13.30 12.12 4.68
CA ASP A 273 14.31 11.21 4.18
C ASP A 273 13.70 9.88 3.74
N ASP A 274 14.18 9.36 2.62
CA ASP A 274 13.66 8.09 2.11
C ASP A 274 14.22 6.96 2.94
N VAL A 275 13.68 5.77 2.72
CA VAL A 275 14.14 4.53 3.35
C VAL A 275 15.51 4.13 2.85
N ILE A 276 16.47 3.96 3.75
CA ILE A 276 17.78 3.42 3.37
C ILE A 276 18.05 2.18 4.22
N LEU A 277 18.24 1.03 3.57
CA LEU A 277 18.46 -0.19 4.30
C LEU A 277 19.94 -0.54 4.36
N ASP A 278 20.31 -1.28 5.41
CA ASP A 278 21.62 -1.86 5.47
C ASP A 278 21.76 -2.92 4.40
N MET A 279 22.99 -3.39 4.20
CA MET A 279 23.28 -4.43 3.20
C MET A 279 23.58 -5.77 3.90
N GLY A 280 23.48 -6.86 3.16
CA GLY A 280 23.94 -8.14 3.69
C GLY A 280 22.92 -9.26 3.61
N THR A 281 23.37 -10.48 3.86
CA THR A 281 22.44 -11.59 3.87
C THR A 281 21.92 -11.86 5.30
N ARG A 282 20.81 -12.58 5.38
CA ARG A 282 20.28 -12.96 6.69
C ARG A 282 20.08 -14.46 6.81
N SAM B . 4.28 -2.47 -2.58
CA SAM B . 4.96 -2.27 -3.91
C SAM B . 6.33 -1.65 -3.68
O SAM B . 7.18 -1.58 -4.59
OXT SAM B . 6.60 -1.21 -2.54
CB SAM B . 4.09 -1.41 -4.82
CG SAM B . 2.97 -2.32 -5.29
SD SAM B . 2.14 -1.66 -6.72
CE SAM B . 1.07 -0.40 -5.96
C5' SAM B . 0.94 -2.96 -7.04
C4' SAM B . 1.51 -4.00 -7.98
O4' SAM B . 0.53 -4.99 -8.05
C3' SAM B . 1.77 -3.53 -9.41
O3' SAM B . 3.13 -3.66 -9.78
C2' SAM B . 0.88 -4.44 -10.29
O2' SAM B . 1.48 -4.83 -11.51
C1' SAM B . 0.61 -5.59 -9.33
N9 SAM B . -0.65 -6.29 -9.57
C8 SAM B . -1.85 -5.74 -9.90
N7 SAM B . -2.77 -6.74 -10.03
C5 SAM B . -2.14 -7.90 -9.77
C6 SAM B . -2.58 -9.21 -9.79
N6 SAM B . -3.87 -9.50 -10.07
N1 SAM B . -1.67 -10.18 -9.45
C2 SAM B . -0.34 -9.88 -9.15
N3 SAM B . 0.10 -8.60 -9.16
C4 SAM B . -0.80 -7.63 -9.46
C1 GOL C . -19.83 7.36 -10.65
O1 GOL C . -20.93 7.59 -11.49
C2 GOL C . -18.64 6.91 -11.50
O2 GOL C . -17.42 7.44 -11.00
C3 GOL C . -18.62 5.39 -11.54
O3 GOL C . -18.31 5.02 -12.85
C1 GOL D . -8.47 10.56 -12.35
O1 GOL D . -8.76 11.92 -12.52
C2 GOL D . -8.74 10.19 -10.90
O2 GOL D . -10.10 10.42 -10.60
C3 GOL D . -8.39 8.72 -10.66
O3 GOL D . -7.37 8.32 -11.54
C1 GOL E . 15.77 -17.65 -5.60
O1 GOL E . 15.60 -17.18 -4.27
C2 GOL E . 14.84 -16.90 -6.54
O2 GOL E . 15.38 -16.85 -7.84
C3 GOL E . 13.46 -17.56 -6.57
O3 GOL E . 13.25 -18.26 -7.79
S SO4 F . -3.59 19.83 6.21
O1 SO4 F . -4.04 19.45 4.87
O2 SO4 F . -2.74 18.78 6.79
O3 SO4 F . -2.81 21.06 6.12
O4 SO4 F . -4.76 20.00 7.07
S SO4 G . -5.60 23.45 -15.36
O1 SO4 G . -6.95 23.05 -15.75
O2 SO4 G . -5.03 22.43 -14.48
O3 SO4 G . -4.75 23.59 -16.55
O4 SO4 G . -5.67 24.72 -14.64
S SO4 H . 10.30 6.37 -8.42
O1 SO4 H . 8.97 5.79 -8.41
O2 SO4 H . 10.39 7.38 -7.34
O3 SO4 H . 11.30 5.33 -8.22
O4 SO4 H . 10.58 7.05 -9.69
#